data_4GH3
#
_entry.id   4GH3
#
_cell.length_a   91.828
_cell.length_b   65.015
_cell.length_c   70.941
_cell.angle_alpha   90.00
_cell.angle_beta   96.59
_cell.angle_gamma   90.00
#
_symmetry.space_group_name_H-M   'C 1 2 1'
#
loop_
_entity.id
_entity.type
_entity.pdbx_description
1 polymer 'Queuine tRNA-ribosyltransferase'
2 non-polymer 'ZINC ION'
3 non-polymer 4-{2-[(cyclohexylmethyl)amino]ethyl}-2-[(2-phenylethyl)amino]-3,7-dihydro-8H-imidazo[4,5-g]quinazolin-8-one
4 water water
#
_entity_poly.entity_id   1
_entity_poly.type   'polypeptide(L)'
_entity_poly.pdbx_seq_one_letter_code
;MVEATAQETDRPRFSFSIAAREGKARTGTIEMKRGVIRTPAFMPVGTAATVKALKPETVRATGADIILGNTYHLMLRPGA
ERIAKLGGLHSFMGWDRPILTDSGGYQVMSLSSLTKQSEEGVTFKSHLDGSRHMLSPERSIEIQHLLGSDIVMAFDECTP
YPATPSRAASSMERSMRWAKRSRDAFDSRKEQAENAALFGIQQGSVFENLRQQSADALAEIGFDGYAVGGLAVGEGQDEM
FRVLDFSVPMLPDDKPHYLMGVGKPDDIVGAVERGIDMFDCVLPTRSGRNGQAFTWDGPINIRNARFSEDLKPLDSECHC
AVCQKWSRAYIHHLIRAGEILGAMLMTEHNIAFYQQLMQKIRDSISEGRFSQFAQDFRARYFARNS
;
_entity_poly.pdbx_strand_id   A
#
loop_
_chem_comp.id
_chem_comp.type
_chem_comp.name
_chem_comp.formula
0EV non-polymer 4-{2-[(cyclohexylmethyl)amino]ethyl}-2-[(2-phenylethyl)amino]-3,7-dihydro-8H-imidazo[4,5-g]quinazolin-8-one 'C26 H32 N6 O'
ZN non-polymer 'ZINC ION' 'Zn 2'
#
# COMPACT_ATOMS: atom_id res chain seq x y z
N ARG A 11 16.51 15.76 -8.26
CA ARG A 11 15.48 14.82 -8.70
C ARG A 11 14.19 15.53 -9.07
N PRO A 12 13.37 14.97 -9.95
CA PRO A 12 12.13 15.67 -10.27
C PRO A 12 11.11 15.46 -9.16
N ARG A 13 10.05 16.25 -9.19
CA ARG A 13 8.88 16.13 -8.35
C ARG A 13 8.27 14.73 -8.49
N PHE A 14 8.19 14.25 -9.74
CA PHE A 14 7.63 12.92 -9.94
C PHE A 14 7.95 12.40 -11.33
N SER A 15 8.64 11.26 -11.41
CA SER A 15 8.82 10.64 -12.72
C SER A 15 8.74 9.12 -12.69
N PHE A 16 7.81 8.55 -13.46
CA PHE A 16 7.71 7.09 -13.53
C PHE A 16 8.28 6.59 -14.85
N SER A 17 9.26 5.69 -14.75
N SER A 17 9.25 5.68 -14.73
CA SER A 17 9.82 5.07 -15.94
CA SER A 17 9.87 5.03 -15.87
C SER A 17 9.78 3.55 -15.84
C SER A 17 9.72 3.52 -15.79
N ILE A 18 9.30 2.90 -16.90
CA ILE A 18 9.25 1.44 -16.95
C ILE A 18 10.50 0.94 -17.68
N ALA A 19 11.25 0.10 -16.99
CA ALA A 19 12.49 -0.44 -17.53
C ALA A 19 12.28 -1.83 -18.12
N ALA A 20 11.26 -2.55 -17.67
CA ALA A 20 11.04 -3.85 -18.28
C ALA A 20 9.59 -4.30 -18.11
N ARG A 21 9.17 -5.20 -19.00
CA ARG A 21 7.85 -5.77 -18.93
C ARG A 21 7.83 -7.25 -19.37
N GLU A 22 6.77 -7.90 -18.88
CA GLU A 22 6.40 -9.26 -19.22
C GLU A 22 4.88 -9.38 -19.08
N GLY A 23 4.20 -9.68 -20.18
CA GLY A 23 2.73 -9.69 -20.14
C GLY A 23 2.22 -8.31 -19.73
N LYS A 24 1.35 -8.27 -18.73
CA LYS A 24 0.83 -7.03 -18.15
C LYS A 24 1.77 -6.45 -17.11
N ALA A 25 2.72 -7.25 -16.65
CA ALA A 25 3.59 -6.86 -15.54
C ALA A 25 4.66 -5.88 -15.96
N ARG A 26 4.97 -4.95 -15.05
CA ARG A 26 6.01 -3.97 -15.32
C ARG A 26 6.95 -3.84 -14.11
N THR A 27 8.17 -3.44 -14.42
CA THR A 27 9.13 -3.12 -13.38
C THR A 27 9.86 -1.83 -13.75
N GLY A 28 10.08 -0.97 -12.76
CA GLY A 28 10.72 0.30 -13.00
C GLY A 28 10.94 1.15 -11.78
N THR A 29 10.85 2.47 -11.98
CA THR A 29 11.18 3.36 -10.88
C THR A 29 10.32 4.61 -10.90
N ILE A 30 10.01 5.06 -9.69
CA ILE A 30 9.41 6.38 -9.51
C ILE A 30 10.46 7.23 -8.81
N GLU A 31 10.81 8.32 -9.48
CA GLU A 31 11.74 9.29 -8.92
C GLU A 31 10.94 10.48 -8.39
N MET A 32 11.29 10.87 -7.17
CA MET A 32 10.68 11.98 -6.46
C MET A 32 11.78 12.74 -5.74
N LYS A 33 11.49 13.95 -5.25
CA LYS A 33 12.56 14.72 -4.60
C LYS A 33 13.13 13.94 -3.43
N ARG A 34 12.30 13.19 -2.69
CA ARG A 34 12.89 12.56 -1.51
C ARG A 34 13.50 11.19 -1.77
N GLY A 35 13.50 10.71 -3.01
CA GLY A 35 14.08 9.38 -3.19
C GLY A 35 13.42 8.62 -4.33
N VAL A 36 14.03 7.50 -4.68
CA VAL A 36 13.56 6.64 -5.76
C VAL A 36 12.79 5.47 -5.19
N ILE A 37 11.68 5.18 -5.86
CA ILE A 37 10.83 4.05 -5.53
C ILE A 37 10.95 2.96 -6.60
N ARG A 38 11.39 1.78 -6.19
CA ARG A 38 11.45 0.62 -7.07
C ARG A 38 10.07 -0.02 -7.19
N THR A 39 9.61 -0.16 -8.43
CA THR A 39 8.30 -0.75 -8.64
C THR A 39 8.38 -2.11 -9.32
N PRO A 40 7.49 -3.07 -9.07
CA PRO A 40 6.44 -3.08 -8.05
C PRO A 40 6.97 -2.93 -6.63
N ALA A 41 6.26 -2.12 -5.88
CA ALA A 41 6.66 -1.67 -4.56
C ALA A 41 5.66 -2.14 -3.51
N PHE A 42 6.21 -2.51 -2.36
CA PHE A 42 5.33 -2.72 -1.22
C PHE A 42 5.57 -1.61 -0.21
N MET A 43 4.51 -0.95 0.22
CA MET A 43 4.63 0.13 1.19
C MET A 43 4.14 -0.30 2.56
N PRO A 44 5.04 -0.40 3.53
CA PRO A 44 4.63 -0.71 4.91
C PRO A 44 3.77 0.43 5.49
N VAL A 45 2.80 -0.01 6.27
CA VAL A 45 1.82 0.85 6.91
C VAL A 45 2.21 1.23 8.33
N GLY A 46 2.01 2.51 8.65
CA GLY A 46 2.41 3.09 9.91
C GLY A 46 1.34 3.23 10.97
N ALA A 49 2.09 7.28 14.92
CA ALA A 49 3.11 8.02 14.19
C ALA A 49 4.38 7.23 13.91
N THR A 50 4.25 5.95 13.61
CA THR A 50 5.35 5.02 13.48
C THR A 50 4.99 3.86 12.57
N VAL A 51 5.99 3.08 12.19
CA VAL A 51 5.62 1.74 11.68
C VAL A 51 5.82 0.77 12.84
N LYS A 52 4.72 0.22 13.31
CA LYS A 52 4.55 -0.32 14.65
C LYS A 52 5.70 -1.25 15.04
N ALA A 53 6.36 -0.87 16.12
CA ALA A 53 7.39 -1.72 16.72
C ALA A 53 8.71 -1.67 15.99
N LEU A 54 8.86 -0.72 15.06
CA LEU A 54 10.09 -0.62 14.29
C LEU A 54 10.58 0.83 14.20
N LYS A 55 11.89 0.99 14.31
CA LYS A 55 12.57 2.24 13.98
C LYS A 55 12.65 2.41 12.47
N PRO A 56 12.57 3.63 11.96
CA PRO A 56 12.68 3.89 10.53
C PRO A 56 13.90 3.25 9.88
N GLU A 57 15.04 3.24 10.57
CA GLU A 57 16.25 2.63 10.05
C GLU A 57 16.04 1.13 9.83
N THR A 58 15.24 0.53 10.70
CA THR A 58 14.87 -0.88 10.59
C THR A 58 13.98 -1.11 9.38
N VAL A 59 12.96 -0.27 9.24
CA VAL A 59 12.11 -0.28 8.05
C VAL A 59 12.95 -0.12 6.78
N ARG A 60 13.84 0.87 6.81
CA ARG A 60 14.70 1.07 5.65
C ARG A 60 15.58 -0.15 5.38
N ALA A 61 16.13 -0.73 6.44
CA ALA A 61 17.02 -1.88 6.30
C ALA A 61 16.34 -3.06 5.64
N THR A 62 15.01 -3.13 5.81
CA THR A 62 14.28 -4.23 5.21
C THR A 62 14.16 -4.03 3.70
N GLY A 63 14.42 -2.81 3.24
CA GLY A 63 14.35 -2.54 1.81
C GLY A 63 13.22 -1.62 1.41
N ALA A 64 12.38 -1.19 2.35
CA ALA A 64 11.36 -0.23 1.98
C ALA A 64 11.94 1.08 1.42
N ASP A 65 11.39 1.52 0.32
CA ASP A 65 11.72 2.78 -0.34
C ASP A 65 10.74 3.89 0.06
N ILE A 66 9.56 3.48 0.48
CA ILE A 66 8.47 4.38 0.82
C ILE A 66 7.54 3.73 1.82
N ILE A 67 6.97 4.58 2.66
CA ILE A 67 6.02 4.06 3.64
C ILE A 67 4.69 4.78 3.47
N LEU A 68 3.65 4.17 4.01
CA LEU A 68 2.32 4.80 3.92
C LEU A 68 1.98 5.44 5.26
N GLY A 69 1.67 6.74 5.20
CA GLY A 69 1.34 7.49 6.40
C GLY A 69 -0.14 7.42 6.71
N ASN A 70 -0.46 6.90 7.88
CA ASN A 70 -1.80 6.75 8.41
C ASN A 70 -2.41 8.07 8.83
N THR A 71 -2.96 8.80 7.86
CA THR A 71 -3.60 10.09 8.08
C THR A 71 -4.70 10.07 9.12
N TYR A 72 -5.58 9.08 9.13
CA TYR A 72 -6.72 9.12 10.06
C TYR A 72 -6.25 9.11 11.50
N HIS A 73 -5.21 8.34 11.84
CA HIS A 73 -4.83 8.36 13.25
C HIS A 73 -4.16 9.68 13.63
N LEU A 74 -3.28 10.15 12.73
CA LEU A 74 -2.47 11.34 12.96
C LEU A 74 -3.32 12.60 13.03
N MET A 75 -4.33 12.63 12.17
CA MET A 75 -5.30 13.70 12.12
C MET A 75 -5.96 13.85 13.48
N LEU A 76 -6.12 12.70 14.14
CA LEU A 76 -6.76 12.70 15.46
C LEU A 76 -5.82 13.34 16.48
N ARG A 77 -4.74 12.65 16.76
CA ARG A 77 -3.66 13.03 17.64
C ARG A 77 -2.34 12.57 17.00
N PRO A 78 -1.34 13.43 17.02
CA PRO A 78 -1.39 14.72 17.69
C PRO A 78 -2.08 15.83 16.91
N GLY A 79 -2.58 15.55 15.71
CA GLY A 79 -3.30 16.55 14.91
C GLY A 79 -2.45 17.01 13.75
N ALA A 80 -3.04 17.32 12.60
CA ALA A 80 -2.22 17.72 11.45
C ALA A 80 -1.50 19.03 11.68
N GLU A 81 -2.20 19.98 12.28
CA GLU A 81 -1.56 21.28 12.50
C GLU A 81 -0.39 21.15 13.45
N ARG A 82 -0.48 20.31 14.48
CA ARG A 82 0.63 20.24 15.42
C ARG A 82 1.89 19.70 14.73
N ILE A 83 1.70 18.63 13.97
CA ILE A 83 2.82 18.01 13.25
C ILE A 83 3.46 18.99 12.30
N ALA A 84 2.64 19.76 11.60
CA ALA A 84 3.20 20.78 10.71
C ALA A 84 4.02 21.75 11.55
N LYS A 85 3.46 22.12 12.70
CA LYS A 85 4.19 23.03 13.59
C LYS A 85 5.52 22.41 13.96
N LEU A 86 5.51 21.09 14.17
CA LEU A 86 6.75 20.42 14.56
C LEU A 86 7.69 20.11 13.40
N GLY A 87 7.34 20.52 12.18
CA GLY A 87 8.28 20.32 11.10
C GLY A 87 7.83 19.34 10.05
N GLY A 88 6.63 18.78 10.18
CA GLY A 88 6.18 17.78 9.21
C GLY A 88 6.43 16.36 9.71
N LEU A 89 5.74 15.40 9.12
CA LEU A 89 5.76 14.00 9.52
C LEU A 89 7.16 13.39 9.34
N HIS A 90 7.87 13.76 8.28
CA HIS A 90 9.20 13.21 8.02
C HIS A 90 10.12 13.43 9.21
N SER A 91 10.26 14.68 9.63
CA SER A 91 11.09 15.02 10.78
C SER A 91 10.58 14.41 12.08
N PHE A 92 9.27 14.47 12.28
CA PHE A 92 8.61 13.98 13.47
C PHE A 92 9.00 12.52 13.74
N MET A 93 8.79 11.70 12.71
CA MET A 93 9.01 10.27 12.78
C MET A 93 10.46 9.85 12.58
N GLY A 94 11.22 10.69 11.88
CA GLY A 94 12.58 10.37 11.49
C GLY A 94 12.69 9.54 10.22
N TRP A 95 11.80 9.72 9.25
CA TRP A 95 11.87 9.06 7.94
C TRP A 95 12.06 10.16 6.89
N ASP A 96 13.16 10.09 6.15
CA ASP A 96 13.43 11.19 5.22
C ASP A 96 13.11 10.85 3.77
N ARG A 97 12.58 9.67 3.50
CA ARG A 97 12.22 9.14 2.20
C ARG A 97 10.77 9.39 1.85
N PRO A 98 10.30 9.10 0.64
CA PRO A 98 8.89 9.36 0.32
C PRO A 98 7.92 8.69 1.31
N ILE A 99 6.81 9.38 1.49
CA ILE A 99 5.64 9.04 2.25
C ILE A 99 4.38 9.30 1.42
N LEU A 100 3.59 8.27 1.26
CA LEU A 100 2.27 8.24 0.68
C LEU A 100 1.29 8.30 1.86
N THR A 101 0.43 9.30 1.83
CA THR A 101 -0.61 9.47 2.85
C THR A 101 -1.95 9.05 2.29
N ASP A 102 -2.70 8.24 3.06
CA ASP A 102 -4.05 7.98 2.57
C ASP A 102 -4.88 9.22 2.90
N SER A 103 -6.11 9.26 2.39
CA SER A 103 -6.91 10.46 2.54
C SER A 103 -7.69 10.52 3.83
N GLY A 104 -7.73 9.44 4.60
CA GLY A 104 -8.45 9.43 5.86
C GLY A 104 -9.87 8.89 5.75
N GLY A 105 -10.39 8.77 4.53
CA GLY A 105 -11.75 8.35 4.28
C GLY A 105 -12.08 6.90 4.55
N TYR A 106 -11.20 5.97 4.16
CA TYR A 106 -11.49 4.56 4.36
C TYR A 106 -11.77 4.26 5.83
N GLN A 107 -10.86 4.66 6.70
CA GLN A 107 -10.97 4.38 8.12
C GLN A 107 -12.08 5.18 8.78
N VAL A 108 -12.35 6.37 8.25
CA VAL A 108 -13.43 7.15 8.83
C VAL A 108 -14.74 6.38 8.66
N MET A 109 -14.99 6.03 7.41
CA MET A 109 -16.22 5.29 7.11
C MET A 109 -15.93 3.80 7.29
N SER A 110 -15.35 3.48 8.44
CA SER A 110 -14.95 2.13 8.82
C SER A 110 -14.37 2.09 10.23
N LYS A 116 -22.07 10.50 9.06
CA LYS A 116 -23.01 11.19 8.18
C LYS A 116 -22.36 11.62 6.86
N GLN A 117 -22.73 10.94 5.78
CA GLN A 117 -22.36 11.05 4.40
C GLN A 117 -23.14 12.13 3.66
N SER A 118 -22.46 12.97 2.89
CA SER A 118 -23.05 14.00 2.06
C SER A 118 -22.11 14.38 0.92
N GLU A 119 -22.58 15.20 -0.01
CA GLU A 119 -21.78 15.68 -1.14
C GLU A 119 -20.62 16.53 -0.65
N GLU A 120 -20.78 17.17 0.50
CA GLU A 120 -19.68 17.99 0.99
C GLU A 120 -18.47 17.12 1.37
N GLY A 121 -18.74 16.03 2.07
CA GLY A 121 -17.80 15.08 2.58
C GLY A 121 -18.39 14.20 3.67
N VAL A 122 -17.58 13.77 4.62
CA VAL A 122 -18.03 12.90 5.70
C VAL A 122 -17.95 13.55 7.07
N THR A 123 -19.07 13.48 7.78
CA THR A 123 -19.14 13.96 9.14
C THR A 123 -19.00 12.78 10.09
N PHE A 124 -18.18 12.91 11.14
CA PHE A 124 -17.98 11.73 11.99
C PHE A 124 -17.51 12.12 13.38
N MET A 134 -16.32 16.45 10.37
CA MET A 134 -16.43 16.66 8.93
C MET A 134 -15.07 16.58 8.24
N LEU A 135 -14.94 15.57 7.40
CA LEU A 135 -13.80 15.40 6.51
C LEU A 135 -14.28 15.50 5.08
N SER A 136 -13.68 16.41 4.32
CA SER A 136 -14.08 16.64 2.93
C SER A 136 -12.85 16.50 2.05
N PRO A 137 -12.99 16.49 0.73
CA PRO A 137 -11.79 16.38 -0.10
C PRO A 137 -10.78 17.49 0.21
N GLU A 138 -11.30 18.71 0.37
CA GLU A 138 -10.48 19.89 0.63
C GLU A 138 -9.67 19.82 1.91
N ARG A 139 -10.28 19.38 2.99
CA ARG A 139 -9.64 19.23 4.29
C ARG A 139 -8.65 18.08 4.29
N SER A 140 -9.04 17.01 3.61
CA SER A 140 -8.20 15.84 3.42
C SER A 140 -6.92 16.26 2.71
N ILE A 141 -7.08 17.01 1.61
CA ILE A 141 -5.86 17.45 0.93
C ILE A 141 -5.03 18.35 1.84
N GLU A 142 -5.69 19.25 2.56
CA GLU A 142 -4.96 20.19 3.42
C GLU A 142 -4.21 19.43 4.51
N ILE A 143 -4.90 18.46 5.11
CA ILE A 143 -4.23 17.65 6.13
C ILE A 143 -2.99 16.96 5.57
N GLN A 144 -3.08 16.35 4.40
CA GLN A 144 -1.95 15.63 3.83
C GLN A 144 -0.81 16.60 3.53
N HIS A 145 -1.20 17.81 3.16
CA HIS A 145 -0.23 18.88 2.97
C HIS A 145 0.43 19.22 4.31
N LEU A 146 -0.35 19.27 5.39
CA LEU A 146 0.21 19.68 6.68
C LEU A 146 1.19 18.64 7.20
N LEU A 147 0.90 17.38 6.91
CA LEU A 147 1.79 16.28 7.26
C LEU A 147 3.03 16.22 6.37
N GLY A 148 3.02 16.89 5.22
CA GLY A 148 4.14 16.86 4.30
C GLY A 148 4.25 15.64 3.42
N SER A 149 3.14 15.01 3.04
CA SER A 149 3.13 13.86 2.17
C SER A 149 3.83 14.12 0.83
N ASP A 150 4.51 13.11 0.29
CA ASP A 150 5.06 13.13 -1.05
C ASP A 150 4.06 12.66 -2.08
N ILE A 151 3.27 11.65 -1.70
CA ILE A 151 2.19 11.17 -2.56
C ILE A 151 0.86 11.31 -1.81
N VAL A 152 0.01 12.19 -2.32
CA VAL A 152 -1.32 12.48 -1.84
C VAL A 152 -2.40 11.74 -2.63
N MET A 153 -3.26 11.06 -1.87
CA MET A 153 -4.41 10.38 -2.41
C MET A 153 -5.61 11.33 -2.44
N ALA A 154 -6.37 11.26 -3.53
CA ALA A 154 -7.65 11.94 -3.61
C ALA A 154 -8.63 11.39 -2.57
N PHE A 155 -9.54 12.24 -2.11
CA PHE A 155 -10.58 11.84 -1.18
C PHE A 155 -11.74 11.17 -1.90
N ASP A 156 -11.95 9.91 -1.55
CA ASP A 156 -12.91 9.06 -2.22
C ASP A 156 -13.82 8.37 -1.21
N GLU A 157 -14.65 7.52 -1.77
CA GLU A 157 -15.49 6.62 -1.00
C GLU A 157 -15.37 5.20 -1.56
N CYS A 158 -14.87 4.31 -0.71
CA CYS A 158 -14.74 2.90 -1.04
C CYS A 158 -16.11 2.25 -0.94
N THR A 159 -16.64 1.86 -2.10
CA THR A 159 -18.01 1.33 -2.16
C THR A 159 -18.07 -0.01 -1.43
N PRO A 160 -19.01 -0.13 -0.50
CA PRO A 160 -19.27 -1.44 0.11
C PRO A 160 -19.57 -2.54 -0.90
N TYR A 161 -19.15 -3.74 -0.51
CA TYR A 161 -19.41 -4.96 -1.25
C TYR A 161 -20.28 -5.92 -0.45
N PRO A 162 -21.26 -6.54 -1.09
CA PRO A 162 -21.65 -6.29 -2.47
C PRO A 162 -22.42 -4.98 -2.60
N ALA A 163 -22.45 -4.45 -3.81
CA ALA A 163 -23.22 -3.27 -4.16
C ALA A 163 -24.06 -3.51 -5.42
N THR A 164 -25.27 -2.96 -5.45
CA THR A 164 -26.07 -3.03 -6.69
C THR A 164 -25.49 -2.07 -7.71
N PRO A 165 -25.74 -2.26 -9.01
CA PRO A 165 -25.24 -1.29 -10.00
C PRO A 165 -25.65 0.13 -9.70
N SER A 166 -26.82 0.39 -9.13
CA SER A 166 -27.22 1.80 -8.91
C SER A 166 -26.38 2.50 -7.84
N ARG A 167 -26.22 1.81 -6.72
CA ARG A 167 -25.46 2.25 -5.57
C ARG A 167 -23.97 2.31 -5.89
N ALA A 168 -23.54 1.33 -6.69
CA ALA A 168 -22.15 1.34 -7.15
C ALA A 168 -21.92 2.60 -8.01
N ALA A 169 -22.87 2.88 -8.90
CA ALA A 169 -22.75 4.02 -9.80
C ALA A 169 -22.82 5.35 -9.04
N SER A 170 -23.86 5.46 -8.21
CA SER A 170 -24.03 6.68 -7.42
C SER A 170 -22.75 6.97 -6.63
N SER A 171 -22.21 5.95 -5.97
CA SER A 171 -20.99 6.06 -5.19
C SER A 171 -19.80 6.51 -6.02
N MET A 172 -19.58 5.87 -7.16
CA MET A 172 -18.47 6.14 -8.05
C MET A 172 -18.52 7.58 -8.56
N GLU A 173 -19.72 7.96 -9.00
CA GLU A 173 -19.99 9.29 -9.52
C GLU A 173 -19.66 10.37 -8.49
N ARG A 174 -19.99 10.11 -7.22
CA ARG A 174 -19.62 11.07 -6.19
C ARG A 174 -18.10 11.16 -6.04
N SER A 175 -17.46 9.99 -6.05
CA SER A 175 -16.01 9.87 -5.94
C SER A 175 -15.31 10.63 -7.05
N MET A 176 -15.87 10.52 -8.26
CA MET A 176 -15.27 11.25 -9.38
C MET A 176 -15.37 12.75 -9.17
N ARG A 177 -16.49 13.20 -8.61
CA ARG A 177 -16.68 14.58 -8.20
C ARG A 177 -15.68 14.96 -7.12
N TRP A 178 -15.56 14.11 -6.11
CA TRP A 178 -14.58 14.35 -5.04
C TRP A 178 -13.16 14.35 -5.61
N ALA A 179 -12.94 13.60 -6.69
CA ALA A 179 -11.65 13.53 -7.36
C ALA A 179 -11.21 14.87 -7.94
N LYS A 180 -12.18 15.54 -8.53
CA LYS A 180 -11.99 16.85 -9.15
C LYS A 180 -11.71 17.91 -8.09
N ARG A 181 -12.49 17.88 -7.01
CA ARG A 181 -12.20 18.77 -5.90
C ARG A 181 -10.83 18.52 -5.32
N SER A 182 -10.41 17.25 -5.24
CA SER A 182 -9.09 16.98 -4.70
C SER A 182 -8.00 17.61 -5.56
N ARG A 183 -8.07 17.39 -6.87
CA ARG A 183 -7.10 17.94 -7.81
C ARG A 183 -7.03 19.45 -7.70
N ASP A 184 -8.18 20.11 -7.72
CA ASP A 184 -8.26 21.56 -7.60
C ASP A 184 -7.66 21.97 -6.25
N ALA A 185 -8.04 21.28 -5.18
CA ALA A 185 -7.47 21.57 -3.87
C ALA A 185 -5.95 21.49 -3.91
N PHE A 186 -5.44 20.34 -4.29
CA PHE A 186 -3.99 20.13 -4.42
C PHE A 186 -3.33 21.23 -5.22
N ASP A 187 -3.87 21.49 -6.41
CA ASP A 187 -3.25 22.46 -7.29
C ASP A 187 -3.31 23.89 -6.75
N SER A 188 -4.17 24.14 -5.76
CA SER A 188 -4.33 25.49 -5.25
C SER A 188 -3.22 25.85 -4.26
N ARG A 189 -2.48 24.84 -3.80
CA ARG A 189 -1.37 25.08 -2.88
C ARG A 189 -0.03 24.89 -3.59
N LYS A 190 0.57 26.01 -3.99
CA LYS A 190 1.80 26.05 -4.74
C LYS A 190 2.87 25.09 -4.25
N GLU A 191 3.21 25.20 -2.97
CA GLU A 191 4.24 24.35 -2.40
C GLU A 191 3.85 22.88 -2.50
N GLN A 192 2.56 22.56 -2.36
CA GLN A 192 2.20 21.15 -2.46
C GLN A 192 2.28 20.65 -3.90
N ALA A 193 1.79 21.47 -4.82
CA ALA A 193 1.75 21.05 -6.23
C ALA A 193 3.15 20.96 -6.81
N GLU A 194 4.07 21.79 -6.30
CA GLU A 194 5.41 21.78 -6.86
C GLU A 194 6.27 20.66 -6.32
N ASN A 195 5.92 20.12 -5.14
CA ASN A 195 6.82 19.14 -4.57
C ASN A 195 6.20 17.77 -4.34
N ALA A 196 4.87 17.70 -4.34
CA ALA A 196 4.20 16.42 -4.13
C ALA A 196 3.56 15.96 -5.43
N ALA A 197 3.07 14.73 -5.41
CA ALA A 197 2.28 14.11 -6.46
C ALA A 197 0.89 13.73 -5.94
N LEU A 198 -0.05 13.62 -6.87
CA LEU A 198 -1.44 13.30 -6.56
C LEU A 198 -1.94 12.08 -7.30
N PHE A 199 -2.46 11.11 -6.55
CA PHE A 199 -3.09 9.93 -7.14
C PHE A 199 -4.62 10.02 -7.05
N GLY A 200 -5.24 9.56 -8.12
CA GLY A 200 -6.67 9.42 -8.33
C GLY A 200 -7.04 7.96 -8.09
N ILE A 201 -8.27 7.71 -7.66
CA ILE A 201 -8.69 6.36 -7.31
C ILE A 201 -9.97 5.91 -8.04
N GLN A 202 -9.83 4.80 -8.76
CA GLN A 202 -10.90 4.12 -9.46
C GLN A 202 -11.76 3.31 -8.47
N GLN A 203 -13.05 3.48 -8.51
CA GLN A 203 -14.23 2.90 -7.96
C GLN A 203 -15.09 2.27 -9.07
N GLY A 204 -16.28 1.82 -8.74
CA GLY A 204 -17.15 1.12 -9.67
C GLY A 204 -17.46 -0.31 -9.28
N SER A 205 -17.14 -0.70 -8.04
CA SER A 205 -17.38 -2.03 -7.54
C SER A 205 -16.87 -3.06 -8.55
N VAL A 206 -17.63 -4.12 -8.86
CA VAL A 206 -17.14 -5.15 -9.75
C VAL A 206 -17.64 -5.02 -11.18
N PHE A 207 -18.24 -3.88 -11.48
CA PHE A 207 -18.89 -3.65 -12.76
C PHE A 207 -18.00 -2.91 -13.76
N GLU A 208 -17.69 -3.60 -14.85
CA GLU A 208 -16.86 -3.16 -15.96
C GLU A 208 -17.25 -1.78 -16.49
N ASN A 209 -18.50 -1.55 -16.87
CA ASN A 209 -18.95 -0.27 -17.43
C ASN A 209 -18.68 0.88 -16.48
N LEU A 210 -18.90 0.61 -15.20
CA LEU A 210 -18.66 1.60 -14.16
C LEU A 210 -17.17 1.81 -13.96
N ARG A 211 -16.39 0.73 -14.03
CA ARG A 211 -14.94 0.89 -13.93
C ARG A 211 -14.38 1.74 -15.07
N GLN A 212 -14.94 1.58 -16.26
CA GLN A 212 -14.50 2.32 -17.45
C GLN A 212 -14.86 3.80 -17.31
N GLN A 213 -16.11 4.04 -16.90
CA GLN A 213 -16.53 5.42 -16.67
C GLN A 213 -15.63 6.07 -15.64
N SER A 214 -15.29 5.29 -14.60
CA SER A 214 -14.42 5.89 -13.60
C SER A 214 -13.04 6.18 -14.18
N ALA A 215 -12.49 5.22 -14.92
CA ALA A 215 -11.16 5.43 -15.51
C ALA A 215 -11.17 6.64 -16.45
N ASP A 216 -12.20 6.78 -17.27
CA ASP A 216 -12.33 7.93 -18.15
C ASP A 216 -12.31 9.27 -17.43
N ALA A 217 -13.13 9.40 -16.39
CA ALA A 217 -13.21 10.61 -15.57
C ALA A 217 -11.88 10.95 -14.93
N LEU A 218 -11.23 9.98 -14.30
CA LEU A 218 -9.94 10.28 -13.66
C LEU A 218 -8.91 10.78 -14.64
N ALA A 219 -8.89 10.15 -15.81
CA ALA A 219 -7.90 10.47 -16.83
C ALA A 219 -8.15 11.86 -17.41
N GLU A 220 -9.43 12.24 -17.53
CA GLU A 220 -9.71 13.57 -18.06
C GLU A 220 -9.29 14.63 -17.05
N ILE A 221 -9.40 14.29 -15.77
CA ILE A 221 -8.95 15.24 -14.73
C ILE A 221 -7.43 15.28 -14.79
N GLY A 222 -6.81 14.09 -14.80
CA GLY A 222 -5.37 13.98 -14.83
C GLY A 222 -4.74 13.88 -13.45
N PHE A 223 -3.98 12.79 -13.26
CA PHE A 223 -3.30 12.49 -12.01
C PHE A 223 -1.89 11.97 -12.27
N ASP A 224 -1.03 12.00 -11.26
CA ASP A 224 0.32 11.45 -11.37
C ASP A 224 0.38 9.93 -11.31
N GLY A 225 -0.61 9.34 -10.65
CA GLY A 225 -0.75 7.90 -10.53
C GLY A 225 -2.22 7.55 -10.40
N TYR A 226 -2.57 6.30 -10.61
CA TYR A 226 -3.96 5.86 -10.53
C TYR A 226 -4.09 4.65 -9.63
N ALA A 227 -4.98 4.76 -8.63
CA ALA A 227 -5.17 3.60 -7.76
C ALA A 227 -6.39 2.81 -8.18
N VAL A 228 -6.37 1.51 -7.87
CA VAL A 228 -7.61 0.75 -8.06
C VAL A 228 -8.25 0.63 -6.68
N GLY A 229 -9.35 1.35 -6.52
CA GLY A 229 -10.11 1.40 -5.29
C GLY A 229 -11.22 0.38 -5.30
N GLY A 230 -11.85 0.21 -4.15
CA GLY A 230 -13.01 -0.62 -4.01
C GLY A 230 -12.79 -2.11 -4.12
N LEU A 231 -11.56 -2.61 -3.96
CA LEU A 231 -11.36 -4.06 -3.93
C LEU A 231 -10.79 -4.46 -2.59
N ALA A 232 -10.56 -5.77 -2.40
CA ALA A 232 -10.13 -6.18 -1.06
C ALA A 232 -11.19 -5.75 -0.05
N VAL A 233 -12.45 -5.97 -0.41
CA VAL A 233 -13.61 -5.59 0.38
C VAL A 233 -14.56 -6.76 0.67
N GLY A 234 -14.12 -8.00 0.53
CA GLY A 234 -14.96 -9.16 0.83
C GLY A 234 -15.38 -9.94 -0.40
N GLU A 235 -14.86 -9.55 -1.55
CA GLU A 235 -15.20 -10.21 -2.80
C GLU A 235 -14.42 -11.51 -3.01
N GLY A 236 -13.26 -11.63 -2.36
CA GLY A 236 -12.45 -12.80 -2.65
C GLY A 236 -11.52 -12.63 -3.83
N GLN A 237 -10.43 -13.40 -3.83
CA GLN A 237 -9.38 -13.29 -4.82
C GLN A 237 -9.82 -13.54 -6.25
N ASP A 238 -10.64 -14.57 -6.46
CA ASP A 238 -11.09 -14.88 -7.81
C ASP A 238 -11.82 -13.67 -8.39
N GLU A 239 -12.74 -13.11 -7.60
CA GLU A 239 -13.47 -11.93 -8.02
C GLU A 239 -12.56 -10.72 -8.14
N MET A 240 -11.64 -10.57 -7.19
CA MET A 240 -10.75 -9.42 -7.30
C MET A 240 -9.92 -9.49 -8.57
N PHE A 241 -9.39 -10.66 -8.89
CA PHE A 241 -8.58 -10.81 -10.11
C PHE A 241 -9.39 -10.60 -11.38
N ARG A 242 -10.65 -11.02 -11.40
CA ARG A 242 -11.48 -10.83 -12.60
C ARG A 242 -11.69 -9.34 -12.87
N VAL A 243 -12.02 -8.60 -11.83
CA VAL A 243 -12.15 -7.15 -11.95
C VAL A 243 -10.83 -6.49 -12.33
N LEU A 244 -9.71 -6.88 -11.72
CA LEU A 244 -8.43 -6.31 -12.13
C LEU A 244 -8.14 -6.58 -13.61
N ASP A 245 -8.58 -7.75 -14.08
CA ASP A 245 -8.36 -8.16 -15.46
C ASP A 245 -8.87 -7.12 -16.45
N PHE A 246 -10.05 -6.56 -16.19
CA PHE A 246 -10.57 -5.59 -17.15
C PHE A 246 -10.28 -4.16 -16.71
N SER A 247 -10.14 -3.96 -15.40
CA SER A 247 -10.02 -2.60 -14.86
C SER A 247 -8.64 -1.99 -15.02
N VAL A 248 -7.57 -2.73 -14.73
CA VAL A 248 -6.25 -2.12 -14.85
C VAL A 248 -5.89 -1.68 -16.26
N PRO A 249 -6.20 -2.40 -17.33
CA PRO A 249 -5.95 -1.83 -18.66
C PRO A 249 -6.74 -0.55 -18.90
N MET A 250 -7.77 -0.27 -18.12
CA MET A 250 -8.45 1.00 -18.33
C MET A 250 -7.60 2.19 -17.88
N LEU A 251 -6.60 1.98 -17.04
CA LEU A 251 -5.80 3.10 -16.53
C LEU A 251 -4.71 3.48 -17.53
N PRO A 252 -4.22 4.70 -17.50
CA PRO A 252 -3.06 5.07 -18.35
C PRO A 252 -1.87 4.16 -18.08
N ASP A 253 -1.34 3.60 -19.16
CA ASP A 253 -0.24 2.65 -19.08
C ASP A 253 1.01 3.28 -18.49
N ASP A 254 1.22 4.54 -18.84
CA ASP A 254 2.45 5.22 -18.52
C ASP A 254 2.45 5.81 -17.11
N LYS A 255 1.44 5.48 -16.34
CA LYS A 255 1.37 5.96 -14.96
C LYS A 255 1.31 4.80 -13.97
N PRO A 256 1.82 4.98 -12.76
CA PRO A 256 1.79 3.88 -11.78
C PRO A 256 0.35 3.50 -11.41
N HIS A 257 0.15 2.23 -11.11
CA HIS A 257 -1.09 1.57 -10.74
C HIS A 257 -1.03 1.01 -9.33
N TYR A 258 -1.88 1.54 -8.46
CA TYR A 258 -1.83 1.23 -7.04
C TYR A 258 -3.10 0.50 -6.61
N LEU A 259 -2.89 -0.76 -6.23
CA LEU A 259 -3.93 -1.57 -5.65
C LEU A 259 -3.96 -1.41 -4.12
N MET A 260 -4.98 -0.68 -3.67
CA MET A 260 -5.13 -0.26 -2.29
C MET A 260 -5.54 -1.40 -1.37
N GLY A 261 -4.75 -1.56 -0.29
CA GLY A 261 -5.09 -2.50 0.76
C GLY A 261 -4.88 -3.96 0.42
N VAL A 262 -4.07 -4.24 -0.60
CA VAL A 262 -3.71 -5.62 -0.90
C VAL A 262 -2.22 -5.84 -0.64
N GLY A 263 -1.80 -6.92 -0.02
CA GLY A 263 -2.58 -7.98 0.58
C GLY A 263 -1.64 -9.15 0.86
N LYS A 264 -2.12 -10.38 0.81
CA LYS A 264 -1.30 -11.57 0.97
C LYS A 264 -0.33 -11.72 -0.21
N PRO A 265 0.77 -12.43 0.01
CA PRO A 265 1.78 -12.66 -1.02
C PRO A 265 1.17 -13.09 -2.34
N ASP A 266 0.27 -14.05 -2.26
CA ASP A 266 -0.35 -14.63 -3.45
C ASP A 266 -1.21 -13.60 -4.16
N ASP A 267 -1.84 -12.71 -3.39
CA ASP A 267 -2.59 -11.60 -3.97
C ASP A 267 -1.70 -10.64 -4.75
N ILE A 268 -0.54 -10.32 -4.19
CA ILE A 268 0.38 -9.36 -4.81
C ILE A 268 0.97 -9.96 -6.08
N VAL A 269 1.30 -11.25 -6.07
CA VAL A 269 1.83 -11.85 -7.30
C VAL A 269 0.81 -11.77 -8.44
N GLY A 270 -0.42 -12.20 -8.19
CA GLY A 270 -1.47 -12.20 -9.19
C GLY A 270 -1.83 -10.82 -9.68
N ALA A 271 -1.76 -9.86 -8.77
CA ALA A 271 -2.02 -8.46 -9.05
C ALA A 271 -0.94 -7.88 -9.97
N VAL A 272 0.31 -8.27 -9.69
CA VAL A 272 1.41 -7.76 -10.50
C VAL A 272 1.27 -8.36 -11.89
N GLU A 273 0.82 -9.61 -11.92
CA GLU A 273 0.53 -10.26 -13.20
C GLU A 273 -0.52 -9.50 -14.00
N ARG A 274 -1.33 -8.69 -13.34
CA ARG A 274 -2.38 -7.94 -14.01
C ARG A 274 -2.07 -6.46 -14.13
N GLY A 275 -0.84 -6.04 -13.85
CA GLY A 275 -0.38 -4.69 -14.09
C GLY A 275 -0.30 -3.73 -12.93
N ILE A 276 -0.37 -4.19 -11.69
CA ILE A 276 -0.24 -3.33 -10.51
C ILE A 276 1.23 -3.08 -10.18
N ASP A 277 1.56 -1.85 -9.82
CA ASP A 277 2.90 -1.40 -9.52
C ASP A 277 3.14 -1.09 -8.06
N MET A 278 2.07 -0.97 -7.28
CA MET A 278 2.15 -0.53 -5.90
C MET A 278 1.09 -1.17 -5.01
N PHE A 279 1.52 -1.39 -3.77
CA PHE A 279 0.75 -2.04 -2.73
C PHE A 279 0.97 -1.49 -1.33
N ASP A 280 -0.13 -1.54 -0.57
CA ASP A 280 -0.10 -1.29 0.86
C ASP A 280 -1.01 -2.29 1.56
N CYS A 281 -0.60 -2.71 2.75
CA CYS A 281 -1.44 -3.61 3.53
CA CYS A 281 -1.50 -3.55 3.56
C CYS A 281 -0.89 -3.66 4.94
N VAL A 282 -1.76 -3.93 5.92
CA VAL A 282 -1.30 -4.05 7.29
C VAL A 282 -0.91 -5.48 7.65
N LEU A 283 -1.24 -6.47 6.82
CA LEU A 283 -1.04 -7.88 7.12
C LEU A 283 0.33 -8.19 7.72
N PRO A 284 1.45 -7.79 7.12
CA PRO A 284 2.76 -8.09 7.70
C PRO A 284 2.93 -7.67 9.16
N THR A 285 2.41 -6.50 9.47
CA THR A 285 2.58 -5.91 10.80
C THR A 285 1.59 -6.51 11.79
N ARG A 286 0.31 -6.35 11.50
CA ARG A 286 -0.74 -6.92 12.33
C ARG A 286 -0.49 -8.41 12.61
N SER A 287 -0.46 -9.20 11.54
CA SER A 287 -0.21 -10.62 11.54
C SER A 287 1.08 -10.97 12.29
N GLY A 288 2.08 -10.09 12.17
CA GLY A 288 3.33 -10.31 12.88
C GLY A 288 3.14 -10.31 14.39
N ARG A 289 2.48 -9.27 14.89
CA ARG A 289 2.26 -9.17 16.33
C ARG A 289 1.36 -10.30 16.82
N ASN A 290 0.62 -10.93 15.91
CA ASN A 290 -0.29 -12.01 16.29
C ASN A 290 0.35 -13.39 16.20
N GLY A 291 1.63 -13.46 15.86
CA GLY A 291 2.27 -14.76 15.80
C GLY A 291 2.35 -15.36 14.41
N GLN A 292 1.83 -14.65 13.40
CA GLN A 292 1.95 -15.17 12.04
C GLN A 292 3.21 -14.61 11.36
N ALA A 293 4.05 -15.52 10.89
CA ALA A 293 5.26 -15.27 10.14
C ALA A 293 5.12 -15.75 8.70
N PHE A 294 5.49 -14.91 7.75
CA PHE A 294 5.51 -15.32 6.34
C PHE A 294 6.75 -16.11 5.98
N THR A 295 6.58 -17.20 5.23
CA THR A 295 7.70 -18.00 4.74
C THR A 295 7.43 -18.47 3.29
N TRP A 296 8.48 -18.89 2.61
CA TRP A 296 8.42 -19.27 1.20
C TRP A 296 7.62 -20.56 1.02
N ASP A 297 7.54 -21.34 2.07
CA ASP A 297 6.67 -22.50 2.22
C ASP A 297 5.33 -22.15 2.86
N GLY A 298 4.98 -20.88 2.91
CA GLY A 298 3.71 -20.46 3.47
C GLY A 298 3.82 -19.91 4.87
N PRO A 299 2.76 -19.28 5.35
CA PRO A 299 2.80 -18.69 6.69
C PRO A 299 2.81 -19.79 7.77
N ILE A 300 3.37 -19.47 8.93
CA ILE A 300 3.40 -20.32 10.11
C ILE A 300 2.89 -19.51 11.30
N ASN A 301 2.22 -20.16 12.26
CA ASN A 301 1.93 -19.40 13.48
C ASN A 301 2.94 -19.83 14.55
N ILE A 302 3.90 -18.97 14.81
CA ILE A 302 5.01 -19.29 15.70
C ILE A 302 4.55 -19.66 17.10
N ARG A 303 3.32 -19.31 17.47
CA ARG A 303 2.85 -19.74 18.78
C ARG A 303 2.63 -21.24 18.87
N ASN A 304 2.60 -21.95 17.75
CA ASN A 304 2.35 -23.38 17.82
C ASN A 304 3.41 -24.14 18.60
N ALA A 305 2.97 -25.10 19.41
CA ALA A 305 3.87 -25.87 20.26
C ALA A 305 4.98 -26.52 19.47
N ARG A 306 4.71 -26.81 18.20
CA ARG A 306 5.72 -27.46 17.37
C ARG A 306 7.02 -26.66 17.30
N PHE A 307 6.99 -25.36 17.58
CA PHE A 307 8.17 -24.51 17.38
C PHE A 307 8.98 -24.29 18.64
N SER A 308 8.54 -24.89 19.74
CA SER A 308 9.11 -24.66 21.06
C SER A 308 10.59 -25.01 21.13
N GLU A 309 11.07 -25.92 20.29
CA GLU A 309 12.48 -26.28 20.38
C GLU A 309 13.11 -26.30 18.99
N ASP A 310 12.41 -25.62 18.08
CA ASP A 310 12.89 -25.55 16.70
C ASP A 310 14.01 -24.52 16.62
N LEU A 311 15.25 -24.96 16.39
CA LEU A 311 16.36 -24.02 16.30
C LEU A 311 16.52 -23.37 14.94
N LYS A 312 15.68 -23.67 13.97
CA LYS A 312 15.73 -22.96 12.69
C LYS A 312 15.21 -21.52 12.81
N PRO A 313 15.67 -20.70 11.87
CA PRO A 313 15.14 -19.33 11.74
C PRO A 313 13.71 -19.41 11.20
N LEU A 314 12.96 -18.34 11.30
CA LEU A 314 11.58 -18.28 10.85
C LEU A 314 11.46 -18.84 9.43
N ASP A 315 12.43 -18.43 8.60
CA ASP A 315 12.41 -18.91 7.22
C ASP A 315 13.80 -19.31 6.75
N SER A 316 13.81 -20.39 6.00
CA SER A 316 14.93 -21.07 5.39
C SER A 316 15.92 -20.15 4.68
N GLU A 317 15.41 -19.20 3.92
CA GLU A 317 16.22 -18.43 2.98
C GLU A 317 16.24 -16.93 3.24
N CYS A 318 15.39 -16.49 4.16
CA CYS A 318 15.24 -15.06 4.40
C CYS A 318 16.59 -14.46 4.78
N HIS A 319 16.89 -13.28 4.22
CA HIS A 319 18.14 -12.62 4.52
C HIS A 319 18.01 -11.70 5.72
N CYS A 320 16.84 -11.61 6.34
CA CYS A 320 16.69 -10.58 7.37
C CYS A 320 17.55 -10.87 8.61
N ALA A 321 17.76 -9.82 9.39
CA ALA A 321 18.58 -9.82 10.59
C ALA A 321 18.03 -10.79 11.63
N VAL A 322 16.70 -10.89 11.69
CA VAL A 322 16.03 -11.78 12.62
C VAL A 322 16.34 -13.23 12.29
N CYS A 323 16.24 -13.60 11.01
CA CYS A 323 16.57 -14.96 10.62
C CYS A 323 18.06 -15.21 10.73
N GLN A 324 18.82 -14.12 10.82
CA GLN A 324 20.26 -14.25 11.00
C GLN A 324 20.62 -14.57 12.43
N LYS A 325 19.87 -14.05 13.39
CA LYS A 325 20.27 -14.13 14.79
C LYS A 325 19.32 -14.83 15.73
N TRP A 326 18.04 -15.03 15.44
CA TRP A 326 17.23 -15.69 16.48
C TRP A 326 16.50 -16.89 15.92
N SER A 327 16.18 -17.85 16.80
CA SER A 327 15.49 -19.04 16.28
C SER A 327 13.98 -18.93 16.51
N ARG A 328 13.26 -19.81 15.85
CA ARG A 328 11.84 -20.05 16.02
C ARG A 328 11.47 -20.22 17.48
N ALA A 329 12.24 -21.06 18.16
CA ALA A 329 12.07 -21.37 19.56
C ALA A 329 11.98 -20.13 20.44
N TYR A 330 12.92 -19.22 20.22
CA TYR A 330 13.04 -17.97 20.95
C TYR A 330 11.86 -17.04 20.70
N ILE A 331 11.55 -16.91 19.41
CA ILE A 331 10.44 -16.03 19.01
C ILE A 331 9.12 -16.60 19.47
N HIS A 332 9.00 -17.92 19.44
CA HIS A 332 7.84 -18.62 19.97
C HIS A 332 7.61 -18.28 21.44
N HIS A 333 8.67 -18.38 22.23
CA HIS A 333 8.61 -18.03 23.65
C HIS A 333 8.27 -16.58 23.90
N LEU A 334 8.93 -15.69 23.16
CA LEU A 334 8.67 -14.26 23.28
C LEU A 334 7.19 -13.97 23.01
N ILE A 335 6.67 -14.49 21.91
CA ILE A 335 5.28 -14.25 21.55
C ILE A 335 4.36 -14.90 22.58
N ARG A 336 4.67 -16.14 22.98
CA ARG A 336 3.86 -16.74 24.04
C ARG A 336 3.85 -15.88 25.30
N ALA A 337 4.98 -15.24 25.58
CA ALA A 337 5.18 -14.44 26.78
C ALA A 337 4.60 -13.04 26.73
N GLY A 338 4.12 -12.62 25.56
CA GLY A 338 3.63 -11.25 25.46
C GLY A 338 4.74 -10.20 25.44
N GLU A 339 5.96 -10.63 25.21
CA GLU A 339 7.12 -9.77 25.11
C GLU A 339 7.09 -8.84 23.89
N ILE A 340 7.33 -7.56 24.15
CA ILE A 340 7.47 -6.56 23.09
C ILE A 340 8.50 -6.98 22.07
N LEU A 341 9.59 -7.60 22.54
CA LEU A 341 10.64 -8.00 21.61
C LEU A 341 10.09 -8.96 20.58
N GLY A 342 9.06 -9.71 20.95
CA GLY A 342 8.40 -10.64 20.06
C GLY A 342 7.77 -9.96 18.86
N ALA A 343 6.96 -8.95 19.13
CA ALA A 343 6.36 -8.13 18.10
C ALA A 343 7.41 -7.53 17.17
N MET A 344 8.47 -7.05 17.79
CA MET A 344 9.54 -6.36 17.07
C MET A 344 10.17 -7.27 16.04
N LEU A 345 10.54 -8.46 16.49
CA LEU A 345 11.23 -9.40 15.62
C LEU A 345 10.29 -9.99 14.57
N MET A 346 9.08 -10.33 14.99
CA MET A 346 8.12 -10.90 14.04
C MET A 346 7.82 -9.89 12.94
N THR A 347 7.63 -8.64 13.37
CA THR A 347 7.30 -7.55 12.44
C THR A 347 8.45 -7.25 11.50
N GLU A 348 9.68 -7.17 12.03
CA GLU A 348 10.83 -6.94 11.15
C GLU A 348 10.96 -8.06 10.13
N HIS A 349 10.86 -9.33 10.56
CA HIS A 349 10.96 -10.40 9.57
C HIS A 349 9.87 -10.27 8.50
N ASN A 350 8.64 -10.02 8.95
CA ASN A 350 7.54 -10.04 7.97
C ASN A 350 7.68 -8.93 6.95
N ILE A 351 8.09 -7.73 7.39
CA ILE A 351 8.28 -6.64 6.44
C ILE A 351 9.46 -6.93 5.51
N ALA A 352 10.50 -7.58 6.05
CA ALA A 352 11.63 -7.98 5.21
C ALA A 352 11.19 -9.01 4.18
N PHE A 353 10.38 -9.96 4.65
CA PHE A 353 9.88 -10.96 3.71
C PHE A 353 9.09 -10.30 2.59
N TYR A 354 8.19 -9.38 2.92
CA TYR A 354 7.45 -8.74 1.82
C TYR A 354 8.36 -8.02 0.84
N GLN A 355 9.39 -7.33 1.34
CA GLN A 355 10.30 -6.64 0.44
C GLN A 355 11.10 -7.61 -0.43
N GLN A 356 11.46 -8.75 0.16
CA GLN A 356 12.20 -9.78 -0.58
C GLN A 356 11.30 -10.32 -1.67
N LEU A 357 10.01 -10.44 -1.34
CA LEU A 357 9.03 -10.86 -2.34
C LEU A 357 9.05 -9.87 -3.49
N MET A 358 9.00 -8.59 -3.17
CA MET A 358 8.96 -7.58 -4.24
C MET A 358 10.25 -7.62 -5.05
N GLN A 359 11.41 -7.80 -4.39
CA GLN A 359 12.65 -7.81 -5.17
C GLN A 359 12.65 -8.96 -6.18
N LYS A 360 12.15 -10.11 -5.73
CA LYS A 360 12.12 -11.29 -6.57
C LYS A 360 11.16 -11.05 -7.73
N ILE A 361 10.08 -10.33 -7.42
CA ILE A 361 9.14 -9.99 -8.48
C ILE A 361 9.85 -9.09 -9.50
N ARG A 362 10.53 -8.06 -9.00
CA ARG A 362 11.21 -7.09 -9.86
C ARG A 362 12.28 -7.72 -10.73
N ASP A 363 13.09 -8.60 -10.14
CA ASP A 363 14.18 -9.22 -10.90
C ASP A 363 13.66 -10.18 -11.96
N SER A 364 12.66 -10.96 -11.58
CA SER A 364 12.10 -11.97 -12.47
C SER A 364 11.47 -11.31 -13.69
N ILE A 365 10.84 -10.15 -13.43
CA ILE A 365 10.28 -9.37 -14.53
C ILE A 365 11.40 -8.85 -15.42
N SER A 366 12.42 -8.31 -14.76
CA SER A 366 13.61 -7.78 -15.42
C SER A 366 14.31 -8.77 -16.33
N GLU A 367 14.27 -10.04 -15.97
CA GLU A 367 14.87 -11.09 -16.77
C GLU A 367 13.82 -11.86 -17.56
N GLY A 368 12.61 -11.33 -17.68
CA GLY A 368 11.54 -11.99 -18.42
C GLY A 368 11.20 -13.39 -17.93
N ARG A 369 11.25 -13.63 -16.63
CA ARG A 369 10.96 -14.95 -16.08
C ARG A 369 9.90 -14.91 -14.99
N PHE A 370 9.06 -13.89 -15.03
CA PHE A 370 8.07 -13.64 -13.99
C PHE A 370 7.00 -14.73 -13.98
N SER A 371 6.56 -15.15 -15.17
CA SER A 371 5.48 -16.14 -15.19
C SER A 371 5.91 -17.41 -14.47
N GLN A 372 7.16 -17.80 -14.71
CA GLN A 372 7.69 -19.00 -14.04
C GLN A 372 7.90 -18.73 -12.56
N PHE A 373 8.38 -17.54 -12.20
CA PHE A 373 8.51 -17.24 -10.77
C PHE A 373 7.16 -17.33 -10.06
N ALA A 374 6.10 -16.88 -10.74
CA ALA A 374 4.78 -16.86 -10.12
C ALA A 374 4.22 -18.28 -9.96
N GLN A 375 4.58 -19.16 -10.88
CA GLN A 375 4.18 -20.56 -10.78
C GLN A 375 5.03 -21.33 -9.77
N ASP A 376 6.33 -21.09 -9.75
CA ASP A 376 7.23 -21.64 -8.76
C ASP A 376 6.87 -21.12 -7.36
N PHE A 377 6.58 -19.83 -7.26
CA PHE A 377 6.20 -19.30 -5.94
C PHE A 377 4.98 -20.02 -5.37
N ARG A 378 3.97 -20.19 -6.21
CA ARG A 378 2.71 -20.76 -5.76
C ARG A 378 2.75 -22.26 -5.49
N ALA A 379 3.59 -22.98 -6.22
CA ALA A 379 3.71 -24.42 -5.96
C ALA A 379 4.37 -24.64 -4.61
N ARG A 380 5.34 -23.82 -4.27
CA ARG A 380 6.00 -23.95 -2.98
C ARG A 380 5.14 -23.36 -1.86
N TYR A 381 4.59 -22.18 -2.07
CA TYR A 381 3.88 -21.46 -1.01
C TYR A 381 2.63 -22.20 -0.54
N PHE A 382 2.04 -22.97 -1.45
CA PHE A 382 0.84 -23.74 -1.17
C PHE A 382 1.06 -25.24 -1.15
ZN ZN B . 13.58 -13.20 8.25
C1 0EV C . -4.69 2.17 3.78
N1 0EV C . -5.12 0.91 3.17
C2 0EV C . -5.95 1.13 1.99
C3 0EV C . -7.39 1.54 2.39
C4 0EV C . -8.42 1.09 1.39
C5 0EV C . -9.01 1.98 0.46
N2 0EV C . -8.70 3.35 0.57
C6 0EV C . -9.23 4.17 -0.27
N3 0EV C . -10.10 3.80 -1.25
C7 0EV C . -10.47 2.49 -1.46
C8 0EV C . -9.85 1.49 -0.57
C9 0EV C . -10.16 0.13 -0.70
C10 0EV C . -9.59 -0.75 0.22
C11 0EV C . -8.75 -0.27 1.21
N4 0EV C . -8.38 -1.40 1.91
C12 0EV C . -9.01 -2.48 1.36
N5 0EV C . -9.78 -2.10 0.36
N6 0EV C . -8.82 -3.72 1.84
C13 0EV C . -7.99 -4.06 2.98
O1 0EV C . -11.22 2.19 -2.39
C14 0EV C . -4.51 2.04 5.30
#